data_4BM7
#
_entry.id   4BM7
#
_cell.length_a   48.868
_cell.length_b   73.375
_cell.length_c   135.951
_cell.angle_alpha   90.00
_cell.angle_beta   90.00
_cell.angle_gamma   90.00
#
_symmetry.space_group_name_H-M   'P 21 21 21'
#
loop_
_entity.id
_entity.type
_entity.pdbx_description
1 polymer 'IG GAMMA-1 CHAIN C REGION'
2 branched 2-acetamido-2-deoxy-beta-D-glucopyranose-(1-2)-alpha-D-mannopyranose-(1-6)-[alpha-D-mannopyranose-(1-3)]beta-D-mannopyranose-(1-4)-2-acetamido-2-deoxy-beta-D-glucopyranose-(1-4)-[beta-L-fucopyranose-(1-6)]2-acetamido-2-deoxy-beta-D-glucopyranose
3 non-polymer 'CHLORIDE ION'
4 water water
#
_entity_poly.entity_id   1
_entity_poly.type   'polypeptide(L)'
_entity_poly.pdbx_seq_one_letter_code
;GTHTCPPCPAPELLGGPSVALFPPKPKDTLMISRTPEVTCVVVDVSHEDPEVKFNWYVDGVEVHNAKTKPREEQYNSTYR
VVSVLTVLHQDWLNGKEYKCKVSNKALPAPIEKTISKAKGQPREPQVYTLPPSREEMTKNQVSLTCLVKGFYPSDIAVEW
ESNGQPENNYKTTPPVLDSDGSFFLYSKLTVDKSRWQQGNVFSCSVMHEALHNHYTQKSLSLSPGTKHHHHHH
;
_entity_poly.pdbx_strand_id   A,B
#
loop_
_chem_comp.id
_chem_comp.type
_chem_comp.name
_chem_comp.formula
BMA D-saccharide, beta linking beta-D-mannopyranose 'C6 H12 O6'
CL non-polymer 'CHLORIDE ION' 'Cl -1'
FUL L-saccharide, beta linking beta-L-fucopyranose 'C6 H12 O5'
MAN D-saccharide, alpha linking alpha-D-mannopyranose 'C6 H12 O6'
NAG D-saccharide, beta linking 2-acetamido-2-deoxy-beta-D-glucopyranose 'C8 H15 N O6'
#
# COMPACT_ATOMS: atom_id res chain seq x y z
N GLY A 16 2.64 -5.42 34.54
CA GLY A 16 1.20 -5.26 34.90
C GLY A 16 0.27 -5.25 33.70
N PRO A 17 -1.00 -4.90 33.94
CA PRO A 17 -1.97 -4.89 32.85
C PRO A 17 -1.59 -3.89 31.75
N SER A 18 -1.92 -4.19 30.50
CA SER A 18 -1.72 -3.26 29.39
C SER A 18 -2.98 -3.23 28.50
N VAL A 19 -3.25 -2.08 27.89
CA VAL A 19 -4.50 -1.86 27.17
C VAL A 19 -4.22 -1.49 25.71
N ALA A 20 -5.07 -2.02 24.82
CA ALA A 20 -5.08 -1.66 23.40
C ALA A 20 -6.52 -1.32 23.01
N LEU A 21 -6.69 -0.24 22.24
CA LEU A 21 -7.99 0.26 21.87
C LEU A 21 -8.09 0.27 20.35
N PHE A 22 -9.05 -0.47 19.81
CA PHE A 22 -9.13 -0.70 18.36
C PHE A 22 -10.34 -0.05 17.73
N PRO A 23 -10.15 0.52 16.52
CA PRO A 23 -11.22 1.23 15.89
C PRO A 23 -12.19 0.27 15.20
N PRO A 24 -13.38 0.76 14.82
CA PRO A 24 -14.25 -0.07 13.98
C PRO A 24 -13.64 -0.29 12.62
N LYS A 25 -14.12 -1.30 11.91
CA LYS A 25 -13.77 -1.47 10.51
C LYS A 25 -14.45 -0.39 9.69
N PRO A 26 -13.70 0.20 8.74
CA PRO A 26 -14.27 1.27 7.96
C PRO A 26 -15.61 0.88 7.37
N LYS A 27 -15.72 -0.33 6.82
CA LYS A 27 -16.97 -0.73 6.17
C LYS A 27 -18.15 -0.69 7.15
N ASP A 28 -17.90 -1.07 8.41
CA ASP A 28 -18.93 -1.04 9.43
C ASP A 28 -19.40 0.37 9.78
N THR A 29 -18.49 1.34 9.73
CA THR A 29 -18.87 2.73 9.99
C THR A 29 -19.57 3.40 8.83
N LEU A 30 -19.36 2.88 7.63
CA LEU A 30 -19.84 3.50 6.40
C LEU A 30 -21.18 2.99 5.95
N MET A 31 -21.47 1.74 6.26
N MET A 31 -21.47 1.73 6.25
CA MET A 31 -22.76 1.14 5.94
CA MET A 31 -22.76 1.14 5.94
C MET A 31 -23.66 1.12 7.18
C MET A 31 -23.65 1.11 7.19
N ILE A 32 -24.69 1.96 7.17
CA ILE A 32 -25.61 2.10 8.32
CA ILE A 32 -25.67 2.11 8.26
C ILE A 32 -26.27 0.79 8.75
N SER A 33 -26.40 -0.19 7.86
CA SER A 33 -26.93 -1.52 8.24
C SER A 33 -25.99 -2.37 9.11
N ARG A 34 -24.70 -2.10 9.01
CA ARG A 34 -23.69 -2.85 9.73
C ARG A 34 -23.47 -2.28 11.12
N THR A 35 -22.67 -2.97 11.91
CA THR A 35 -22.52 -2.64 13.32
C THR A 35 -21.07 -2.30 13.65
N PRO A 36 -20.74 -1.00 13.74
CA PRO A 36 -19.36 -0.62 14.07
C PRO A 36 -19.13 -0.75 15.57
N GLU A 37 -17.94 -1.22 15.94
CA GLU A 37 -17.58 -1.48 17.32
C GLU A 37 -16.20 -0.95 17.60
N VAL A 38 -16.05 -0.31 18.78
CA VAL A 38 -14.73 -0.01 19.33
C VAL A 38 -14.46 -1.07 20.39
N THR A 39 -13.23 -1.59 20.40
CA THR A 39 -12.86 -2.74 21.18
C THR A 39 -11.68 -2.39 22.09
N CYS A 40 -11.89 -2.49 23.40
CA CYS A 40 -10.86 -2.24 24.38
C CYS A 40 -10.37 -3.57 24.91
N VAL A 41 -9.07 -3.82 24.76
CA VAL A 41 -8.51 -5.13 25.11
C VAL A 41 -7.46 -4.99 26.20
N VAL A 42 -7.65 -5.72 27.30
CA VAL A 42 -6.69 -5.72 28.39
C VAL A 42 -6.02 -7.08 28.44
N VAL A 43 -4.69 -7.08 28.41
CA VAL A 43 -3.91 -8.31 28.55
C VAL A 43 -3.01 -8.25 29.78
N ASP A 44 -2.44 -9.40 30.15
CA ASP A 44 -1.64 -9.53 31.38
C ASP A 44 -2.44 -9.15 32.63
N VAL A 45 -3.72 -9.52 32.65
CA VAL A 45 -4.47 -9.47 33.91
C VAL A 45 -4.02 -10.68 34.75
N SER A 46 -3.58 -10.44 35.98
CA SER A 46 -3.02 -11.48 36.84
C SER A 46 -4.09 -12.23 37.62
N HIS A 47 -3.74 -13.42 38.08
CA HIS A 47 -4.63 -14.19 38.95
C HIS A 47 -4.84 -13.56 40.33
N GLU A 48 -3.87 -12.77 40.78
CA GLU A 48 -3.97 -12.05 42.07
C GLU A 48 -5.10 -11.02 42.04
N ASP A 49 -5.16 -10.25 40.94
CA ASP A 49 -6.15 -9.18 40.81
C ASP A 49 -6.84 -9.34 39.44
N PRO A 50 -7.75 -10.32 39.33
CA PRO A 50 -8.37 -10.69 38.06
C PRO A 50 -9.52 -9.79 37.61
N GLU A 51 -10.10 -9.03 38.54
CA GLU A 51 -11.26 -8.19 38.22
C GLU A 51 -10.85 -6.93 37.46
N VAL A 52 -11.64 -6.57 36.45
CA VAL A 52 -11.32 -5.43 35.58
C VAL A 52 -12.57 -4.59 35.37
N LYS A 53 -12.48 -3.30 35.68
CA LYS A 53 -13.59 -2.37 35.43
C LYS A 53 -13.27 -1.51 34.23
N PHE A 54 -14.24 -1.40 33.34
CA PHE A 54 -14.14 -0.58 32.15
C PHE A 54 -15.12 0.57 32.27
N ASN A 55 -14.64 1.81 32.11
CA ASN A 55 -15.52 2.95 31.90
C ASN A 55 -15.28 3.51 30.51
N TRP A 56 -16.38 3.82 29.83
CA TRP A 56 -16.32 4.31 28.46
C TRP A 56 -16.81 5.74 28.41
N TYR A 57 -16.11 6.57 27.64
CA TYR A 57 -16.51 7.97 27.49
C TYR A 57 -16.50 8.37 26.03
N VAL A 58 -17.49 9.17 25.65
CA VAL A 58 -17.60 9.66 24.27
C VAL A 58 -17.61 11.18 24.37
N ASP A 59 -16.55 11.82 23.87
CA ASP A 59 -16.29 13.23 24.15
C ASP A 59 -16.49 13.59 25.60
N GLY A 60 -15.88 12.82 26.49
CA GLY A 60 -15.95 13.07 27.92
C GLY A 60 -17.22 12.61 28.62
N VAL A 61 -18.29 12.30 27.90
CA VAL A 61 -19.54 11.91 28.58
C VAL A 61 -19.61 10.40 28.70
N GLU A 62 -19.74 9.91 29.93
CA GLU A 62 -19.78 8.46 30.16
C GLU A 62 -20.99 7.84 29.47
N VAL A 63 -20.75 6.72 28.80
CA VAL A 63 -21.83 5.90 28.22
C VAL A 63 -21.83 4.53 28.88
N HIS A 64 -22.98 3.88 28.88
CA HIS A 64 -23.20 2.69 29.66
C HIS A 64 -23.86 1.60 28.82
N ASN A 65 -23.34 1.34 27.63
CA ASN A 65 -23.88 0.28 26.77
C ASN A 65 -22.82 -0.73 26.33
N ALA A 66 -21.61 -0.62 26.87
CA ALA A 66 -20.54 -1.55 26.52
C ALA A 66 -20.83 -2.94 27.04
N LYS A 67 -20.53 -3.97 26.24
CA LYS A 67 -20.62 -5.37 26.68
C LYS A 67 -19.23 -5.92 26.93
N THR A 68 -18.97 -6.30 28.18
CA THR A 68 -17.70 -6.91 28.54
C THR A 68 -17.79 -8.41 28.38
N LYS A 69 -16.89 -8.96 27.56
CA LYS A 69 -16.89 -10.39 27.29
C LYS A 69 -16.27 -11.12 28.47
N PRO A 70 -16.57 -12.42 28.61
CA PRO A 70 -15.99 -13.14 29.75
C PRO A 70 -14.47 -13.23 29.65
N ARG A 71 -13.81 -13.18 30.80
CA ARG A 71 -12.36 -13.38 30.82
C ARG A 71 -11.98 -14.61 30.01
N GLU A 72 -10.82 -14.53 29.40
CA GLU A 72 -10.31 -15.56 28.53
C GLU A 72 -8.92 -15.91 29.04
N GLU A 73 -8.75 -17.11 29.58
CA GLU A 73 -7.43 -17.50 30.11
C GLU A 73 -6.46 -17.89 28.99
N GLN A 74 -5.27 -17.28 29.03
CA GLN A 74 -4.22 -17.56 28.08
C GLN A 74 -3.41 -18.79 28.51
N TYR A 75 -2.47 -19.21 27.66
CA TYR A 75 -1.59 -20.34 27.98
C TYR A 75 -0.45 -19.95 28.94
N ASN A 76 -0.21 -18.65 29.10
CA ASN A 76 0.84 -18.15 30.01
C ASN A 76 0.32 -17.65 31.35
N SER A 77 -0.79 -18.21 31.83
CA SER A 77 -1.38 -17.88 33.14
C SER A 77 -1.65 -16.39 33.37
N THR A 78 -2.14 -15.72 32.33
CA THR A 78 -2.74 -14.40 32.48
C THR A 78 -4.12 -14.47 31.81
N TYR A 79 -4.92 -13.41 31.98
CA TYR A 79 -6.22 -13.33 31.30
C TYR A 79 -6.22 -12.22 30.24
N ARG A 80 -7.13 -12.37 29.29
CA ARG A 80 -7.42 -11.35 28.30
C ARG A 80 -8.87 -10.96 28.56
N VAL A 81 -9.11 -9.67 28.76
CA VAL A 81 -10.46 -9.17 29.00
C VAL A 81 -10.77 -8.09 27.97
N VAL A 82 -11.93 -8.23 27.35
CA VAL A 82 -12.35 -7.43 26.22
C VAL A 82 -13.66 -6.73 26.55
N SER A 83 -13.70 -5.42 26.36
CA SER A 83 -14.97 -4.69 26.36
C SER A 83 -15.24 -4.18 24.94
N VAL A 84 -16.47 -4.36 24.46
CA VAL A 84 -16.88 -3.91 23.13
C VAL A 84 -17.94 -2.82 23.29
N LEU A 85 -17.69 -1.66 22.69
CA LEU A 85 -18.64 -0.58 22.66
C LEU A 85 -19.20 -0.42 21.25
N THR A 86 -20.50 -0.68 21.09
CA THR A 86 -21.18 -0.35 19.84
C THR A 86 -21.24 1.16 19.68
N VAL A 87 -20.85 1.65 18.51
CA VAL A 87 -20.87 3.09 18.27
C VAL A 87 -21.93 3.45 17.25
N LEU A 88 -22.42 4.68 17.37
CA LEU A 88 -23.30 5.24 16.37
C LEU A 88 -22.45 5.65 15.19
N HIS A 89 -22.88 5.25 13.99
CA HIS A 89 -22.09 5.53 12.80
C HIS A 89 -21.77 7.03 12.75
N GLN A 90 -22.80 7.87 13.00
CA GLN A 90 -22.66 9.31 12.87
C GLN A 90 -21.70 9.90 13.89
N ASP A 91 -21.70 9.36 15.11
CA ASP A 91 -20.75 9.80 16.11
C ASP A 91 -19.30 9.57 15.65
N TRP A 92 -18.98 8.36 15.19
CA TRP A 92 -17.65 8.03 14.71
C TRP A 92 -17.27 8.98 13.57
N LEU A 93 -18.14 9.08 12.57
CA LEU A 93 -17.84 9.92 11.40
C LEU A 93 -17.79 11.44 11.72
N ASN A 94 -18.47 11.87 12.80
CA ASN A 94 -18.44 13.26 13.24
C ASN A 94 -17.24 13.56 14.13
N GLY A 95 -16.36 12.59 14.31
CA GLY A 95 -15.06 12.82 14.94
C GLY A 95 -15.12 12.82 16.46
N LYS A 96 -16.14 12.19 17.02
CA LYS A 96 -16.19 12.03 18.47
C LYS A 96 -15.05 11.15 18.96
N GLU A 97 -14.56 11.47 20.15
CA GLU A 97 -13.44 10.75 20.75
C GLU A 97 -13.97 9.67 21.66
N TYR A 98 -13.40 8.47 21.53
CA TYR A 98 -13.82 7.33 22.31
C TYR A 98 -12.72 7.01 23.29
N LYS A 99 -13.07 7.04 24.58
CA LYS A 99 -12.10 6.75 25.61
C LYS A 99 -12.50 5.51 26.38
N CYS A 100 -11.54 4.60 26.50
CA CYS A 100 -11.66 3.43 27.38
C CYS A 100 -10.82 3.62 28.63
N LYS A 101 -11.45 3.51 29.79
CA LYS A 101 -10.77 3.61 31.08
C LYS A 101 -10.83 2.25 31.77
N VAL A 102 -9.65 1.68 32.04
CA VAL A 102 -9.49 0.32 32.53
C VAL A 102 -8.92 0.35 33.97
N SER A 103 -9.74 -0.08 34.94
CA SER A 103 -9.30 -0.14 36.34
C SER A 103 -9.00 -1.58 36.76
N ASN A 104 -7.93 -1.75 37.52
CA ASN A 104 -7.49 -3.05 38.02
C ASN A 104 -6.63 -2.83 39.26
N LYS A 105 -6.81 -3.65 40.29
CA LYS A 105 -6.12 -3.43 41.58
C LYS A 105 -4.59 -3.55 41.56
N ALA A 106 -4.04 -4.12 40.49
CA ALA A 106 -2.59 -4.20 40.30
C ALA A 106 -2.02 -2.93 39.67
N LEU A 107 -2.89 -2.06 39.15
CA LEU A 107 -2.47 -0.77 38.60
C LEU A 107 -2.45 0.27 39.71
N PRO A 108 -1.40 1.12 39.75
CA PRO A 108 -1.38 2.19 40.76
C PRO A 108 -2.40 3.28 40.42
N ALA A 109 -2.72 3.41 39.14
CA ALA A 109 -3.84 4.25 38.69
C ALA A 109 -4.46 3.62 37.43
N PRO A 110 -5.74 3.90 37.17
CA PRO A 110 -6.40 3.31 35.99
C PRO A 110 -5.75 3.74 34.67
N ILE A 111 -5.78 2.87 33.66
CA ILE A 111 -5.24 3.20 32.33
C ILE A 111 -6.34 3.76 31.42
N GLU A 112 -6.07 4.89 30.78
CA GLU A 112 -6.94 5.48 29.76
C GLU A 112 -6.29 5.44 28.39
N LYS A 113 -7.07 5.02 27.39
CA LYS A 113 -6.71 5.23 26.00
C LYS A 113 -7.88 5.89 25.29
N THR A 114 -7.55 6.73 24.30
CA THR A 114 -8.56 7.42 23.50
C THR A 114 -8.27 7.20 22.02
N ILE A 115 -9.33 7.05 21.22
CA ILE A 115 -9.20 7.03 19.78
C ILE A 115 -10.34 7.74 19.08
N SER A 116 -10.07 8.07 17.84
CA SER A 116 -11.06 8.68 16.99
C SER A 116 -10.61 8.50 15.54
N LYS A 117 -11.54 8.83 14.67
CA LYS A 117 -11.35 8.82 13.24
C LYS A 117 -10.23 9.72 12.81
N ALA A 118 -9.57 9.34 11.72
CA ALA A 118 -8.54 10.17 11.14
C ALA A 118 -9.14 11.54 10.77
N LYS A 119 -8.43 12.59 11.12
CA LYS A 119 -8.88 13.98 10.94
C LYS A 119 -8.66 14.41 9.50
N GLY A 120 -9.35 15.47 9.07
CA GLY A 120 -9.13 16.06 7.74
C GLY A 120 -10.39 16.25 6.91
N GLN A 121 -10.41 17.31 6.10
CA GLN A 121 -11.57 17.59 5.24
C GLN A 121 -11.80 16.43 4.30
N PRO A 122 -13.00 15.84 4.35
CA PRO A 122 -13.28 14.75 3.43
C PRO A 122 -13.27 15.16 1.98
N ARG A 123 -12.79 14.29 1.10
CA ARG A 123 -12.82 14.54 -0.33
C ARG A 123 -13.37 13.33 -1.05
N GLU A 124 -14.29 13.56 -1.96
CA GLU A 124 -15.01 12.49 -2.62
C GLU A 124 -14.18 11.67 -3.61
N PRO A 125 -14.09 10.36 -3.42
CA PRO A 125 -13.39 9.55 -4.40
C PRO A 125 -14.01 9.65 -5.79
N GLN A 126 -13.15 9.69 -6.80
CA GLN A 126 -13.54 9.45 -8.19
C GLN A 126 -13.21 7.98 -8.48
N VAL A 127 -14.16 7.26 -9.08
CA VAL A 127 -14.01 5.82 -9.25
C VAL A 127 -14.15 5.47 -10.72
N TYR A 128 -13.08 4.90 -11.31
CA TYR A 128 -13.09 4.55 -12.72
C TYR A 128 -12.74 3.08 -12.92
N THR A 129 -13.45 2.38 -13.79
CA THR A 129 -13.03 1.03 -14.14
C THR A 129 -12.35 1.00 -15.52
N LEU A 130 -11.26 0.25 -15.61
CA LEU A 130 -10.47 0.16 -16.83
C LEU A 130 -10.45 -1.30 -17.29
N PRO A 131 -10.78 -1.56 -18.55
CA PRO A 131 -10.71 -2.93 -19.06
C PRO A 131 -9.25 -3.42 -19.24
N PRO A 132 -9.06 -4.72 -19.52
CA PRO A 132 -7.70 -5.23 -19.82
C PRO A 132 -7.10 -4.57 -21.03
N SER A 133 -5.80 -4.41 -21.02
CA SER A 133 -5.09 -4.00 -22.21
C SER A 133 -5.30 -5.05 -23.29
N ARG A 134 -5.37 -4.61 -24.54
CA ARG A 134 -5.38 -5.56 -25.64
C ARG A 134 -4.21 -6.54 -25.57
N GLU A 135 -3.06 -6.07 -25.06
CA GLU A 135 -1.86 -6.92 -25.03
C GLU A 135 -2.01 -8.06 -24.03
N GLU A 136 -2.86 -7.88 -23.02
CA GLU A 136 -3.08 -8.91 -22.02
C GLU A 136 -3.99 -10.04 -22.54
N MET A 137 -4.70 -9.81 -23.63
CA MET A 137 -5.62 -10.81 -24.18
C MET A 137 -4.92 -12.06 -24.75
N THR A 138 -3.60 -12.04 -24.87
CA THR A 138 -2.84 -13.23 -25.22
C THR A 138 -2.76 -14.20 -24.05
N LYS A 139 -3.07 -13.72 -22.84
CA LYS A 139 -2.99 -14.55 -21.64
C LYS A 139 -4.31 -15.27 -21.35
N ASN A 140 -4.25 -16.27 -20.46
CA ASN A 140 -5.44 -17.02 -20.08
C ASN A 140 -6.25 -16.34 -18.99
N GLN A 141 -5.62 -15.46 -18.24
CA GLN A 141 -6.31 -14.65 -17.24
C GLN A 141 -6.07 -13.20 -17.61
N VAL A 142 -7.03 -12.34 -17.30
CA VAL A 142 -6.90 -10.92 -17.54
C VAL A 142 -7.23 -10.09 -16.30
N SER A 143 -6.84 -8.83 -16.35
CA SER A 143 -6.86 -7.92 -15.23
C SER A 143 -7.90 -6.81 -15.48
N LEU A 144 -8.85 -6.68 -14.59
CA LEU A 144 -9.81 -5.59 -14.65
C LEU A 144 -9.41 -4.63 -13.55
N THR A 145 -9.30 -3.34 -13.88
CA THR A 145 -8.72 -2.37 -12.96
C THR A 145 -9.76 -1.38 -12.45
N CYS A 146 -9.79 -1.19 -11.13
CA CYS A 146 -10.56 -0.12 -10.48
C CYS A 146 -9.63 0.93 -9.90
N LEU A 147 -9.69 2.14 -10.48
CA LEU A 147 -8.90 3.31 -10.02
C LEU A 147 -9.83 4.11 -9.10
N VAL A 148 -9.38 4.37 -7.87
CA VAL A 148 -10.11 5.17 -6.91
C VAL A 148 -9.17 6.29 -6.52
N LYS A 149 -9.51 7.52 -6.89
CA LYS A 149 -8.55 8.62 -6.66
C LYS A 149 -9.23 9.84 -6.05
N GLY A 150 -8.39 10.74 -5.56
CA GLY A 150 -8.81 12.03 -5.03
C GLY A 150 -9.53 11.95 -3.70
N PHE A 151 -9.33 10.88 -2.91
CA PHE A 151 -10.11 10.74 -1.68
C PHE A 151 -9.35 11.17 -0.44
N TYR A 152 -10.10 11.58 0.56
CA TYR A 152 -9.58 11.90 1.85
C TYR A 152 -10.69 11.77 2.90
N PRO A 153 -10.37 11.24 4.09
CA PRO A 153 -9.12 10.62 4.54
C PRO A 153 -8.98 9.24 3.95
N SER A 154 -7.96 8.49 4.36
CA SER A 154 -7.61 7.27 3.65
C SER A 154 -8.55 6.10 3.92
N ASP A 155 -9.37 6.19 4.96
CA ASP A 155 -10.31 5.13 5.36
C ASP A 155 -11.26 4.85 4.21
N ILE A 156 -11.25 3.63 3.71
CA ILE A 156 -12.03 3.30 2.53
C ILE A 156 -12.21 1.80 2.47
N ALA A 157 -13.26 1.34 1.79
CA ALA A 157 -13.35 -0.08 1.43
C ALA A 157 -13.66 -0.18 -0.05
N VAL A 158 -13.03 -1.14 -0.71
CA VAL A 158 -13.11 -1.31 -2.14
C VAL A 158 -13.20 -2.81 -2.41
N GLU A 159 -14.24 -3.23 -3.13
CA GLU A 159 -14.52 -4.64 -3.34
C GLU A 159 -15.01 -4.89 -4.77
N TRP A 160 -14.66 -6.04 -5.33
CA TRP A 160 -15.08 -6.43 -6.67
C TRP A 160 -16.10 -7.53 -6.54
N GLU A 161 -17.16 -7.44 -7.36
CA GLU A 161 -18.26 -8.36 -7.35
C GLU A 161 -18.66 -8.71 -8.76
N SER A 162 -19.35 -9.84 -8.87
CA SER A 162 -20.05 -10.18 -10.08
C SER A 162 -21.30 -10.96 -9.67
N ASN A 163 -22.38 -10.81 -10.44
CA ASN A 163 -23.68 -11.42 -10.09
C ASN A 163 -24.02 -11.27 -8.59
N GLY A 164 -23.81 -10.07 -8.05
CA GLY A 164 -24.12 -9.77 -6.64
C GLY A 164 -23.32 -10.55 -5.60
N GLN A 165 -22.12 -11.00 -5.98
CA GLN A 165 -21.28 -11.82 -5.10
C GLN A 165 -19.81 -11.52 -5.29
N PRO A 166 -19.05 -11.52 -4.17
CA PRO A 166 -17.65 -11.10 -4.22
C PRO A 166 -16.78 -12.02 -5.08
N GLU A 167 -15.85 -11.43 -5.81
CA GLU A 167 -14.89 -12.21 -6.60
C GLU A 167 -13.72 -12.75 -5.73
N ASN A 168 -13.18 -13.90 -6.07
CA ASN A 168 -12.17 -14.56 -5.22
C ASN A 168 -10.68 -14.32 -5.61
N ASN A 169 -10.43 -13.56 -6.67
CA ASN A 169 -9.07 -13.28 -7.08
C ASN A 169 -8.85 -11.79 -7.40
N TYR A 170 -8.94 -10.97 -6.36
CA TYR A 170 -8.58 -9.58 -6.48
C TYR A 170 -7.73 -9.14 -5.33
N LYS A 171 -6.95 -8.11 -5.61
CA LYS A 171 -6.06 -7.53 -4.63
C LYS A 171 -6.09 -6.03 -4.77
N THR A 172 -6.07 -5.34 -3.64
CA THR A 172 -6.18 -3.90 -3.63
C THR A 172 -4.91 -3.31 -3.03
N THR A 173 -4.39 -2.26 -3.65
CA THR A 173 -3.19 -1.64 -3.14
C THR A 173 -3.57 -0.82 -1.91
N PRO A 174 -2.60 -0.57 -1.04
CA PRO A 174 -2.87 0.41 0.01
C PRO A 174 -3.14 1.78 -0.62
N PRO A 175 -3.79 2.69 0.12
CA PRO A 175 -3.87 4.08 -0.30
C PRO A 175 -2.48 4.68 -0.45
N VAL A 176 -2.32 5.52 -1.46
CA VAL A 176 -1.05 6.18 -1.75
C VAL A 176 -1.29 7.69 -1.76
N LEU A 177 -0.45 8.46 -1.07
CA LEU A 177 -0.57 9.91 -1.09
C LEU A 177 -0.25 10.45 -2.48
N ASP A 178 -1.17 11.24 -3.03
CA ASP A 178 -0.99 11.83 -4.36
C ASP A 178 -0.39 13.23 -4.20
N SER A 179 -0.02 13.86 -5.30
CA SER A 179 0.70 15.13 -5.28
C SER A 179 -0.13 16.28 -4.74
N ASP A 180 -1.45 16.17 -4.75
CA ASP A 180 -2.32 17.21 -4.19
C ASP A 180 -2.70 16.97 -2.72
N GLY A 181 -2.10 15.98 -2.07
CA GLY A 181 -2.45 15.64 -0.68
C GLY A 181 -3.68 14.75 -0.49
N SER A 182 -4.35 14.37 -1.58
CA SER A 182 -5.40 13.35 -1.50
C SER A 182 -4.76 11.95 -1.64
N PHE A 183 -5.57 10.91 -1.53
CA PHE A 183 -5.12 9.51 -1.68
C PHE A 183 -5.70 8.90 -2.93
N PHE A 184 -4.96 7.95 -3.48
CA PHE A 184 -5.51 7.08 -4.49
C PHE A 184 -5.14 5.62 -4.21
N LEU A 185 -5.85 4.73 -4.85
CA LEU A 185 -5.46 3.31 -4.84
C LEU A 185 -5.98 2.67 -6.10
N TYR A 186 -5.52 1.46 -6.37
CA TYR A 186 -6.08 0.66 -7.43
C TYR A 186 -6.49 -0.70 -6.83
N SER A 187 -7.55 -1.27 -7.37
CA SER A 187 -7.86 -2.64 -7.06
C SER A 187 -7.86 -3.44 -8.37
N LYS A 188 -7.11 -4.53 -8.38
CA LYS A 188 -6.95 -5.36 -9.55
C LYS A 188 -7.74 -6.65 -9.40
N LEU A 189 -8.66 -6.87 -10.31
CA LEU A 189 -9.41 -8.14 -10.37
C LEU A 189 -8.86 -9.01 -11.48
N THR A 190 -8.52 -10.24 -11.15
CA THR A 190 -8.08 -11.21 -12.15
C THR A 190 -9.18 -12.20 -12.42
N VAL A 191 -9.50 -12.39 -13.70
CA VAL A 191 -10.55 -13.34 -14.09
C VAL A 191 -10.07 -14.16 -15.29
N ASP A 192 -10.64 -15.36 -15.41
CA ASP A 192 -10.47 -16.15 -16.60
C ASP A 192 -10.86 -15.34 -17.82
N LYS A 193 -10.02 -15.36 -18.85
CA LYS A 193 -10.30 -14.57 -20.05
C LYS A 193 -11.65 -14.92 -20.68
N SER A 194 -12.05 -16.18 -20.61
CA SER A 194 -13.32 -16.60 -21.18
C SER A 194 -14.51 -15.92 -20.52
N ARG A 195 -14.43 -15.69 -19.20
CA ARG A 195 -15.52 -15.01 -18.48
C ARG A 195 -15.66 -13.55 -18.94
N TRP A 196 -14.54 -12.91 -19.23
CA TRP A 196 -14.54 -11.56 -19.76
C TRP A 196 -15.11 -11.58 -21.18
N GLN A 197 -14.62 -12.49 -22.01
CA GLN A 197 -15.09 -12.63 -23.39
C GLN A 197 -16.56 -12.97 -23.49
N GLN A 198 -17.09 -13.71 -22.52
CA GLN A 198 -18.51 -14.06 -22.52
C GLN A 198 -19.43 -12.88 -22.22
N GLY A 199 -18.90 -11.75 -21.76
CA GLY A 199 -19.73 -10.57 -21.49
C GLY A 199 -20.28 -10.47 -20.07
N ASN A 200 -19.71 -11.25 -19.16
CA ASN A 200 -20.06 -11.14 -17.74
C ASN A 200 -19.78 -9.71 -17.25
N VAL A 201 -20.63 -9.20 -16.39
CA VAL A 201 -20.48 -7.84 -15.85
C VAL A 201 -19.76 -7.90 -14.49
N PHE A 202 -18.72 -7.10 -14.34
CA PHE A 202 -17.98 -7.05 -13.09
C PHE A 202 -18.12 -5.65 -12.52
N SER A 203 -18.21 -5.55 -11.19
CA SER A 203 -18.50 -4.29 -10.55
C SER A 203 -17.55 -4.03 -9.39
N CYS A 204 -17.10 -2.78 -9.34
CA CYS A 204 -16.21 -2.30 -8.31
C CYS A 204 -17.03 -1.39 -7.40
N SER A 205 -17.18 -1.82 -6.16
CA SER A 205 -17.98 -1.09 -5.16
C SER A 205 -16.97 -0.39 -4.26
N VAL A 206 -17.26 0.86 -3.97
CA VAL A 206 -16.41 1.70 -3.15
C VAL A 206 -17.24 2.35 -2.03
N MET A 207 -16.75 2.23 -0.81
CA MET A 207 -17.41 2.81 0.34
C MET A 207 -16.46 3.81 0.98
N HIS A 208 -16.96 5.03 1.18
CA HIS A 208 -16.16 6.14 1.69
C HIS A 208 -17.09 7.19 2.22
N GLU A 209 -16.67 7.89 3.26
CA GLU A 209 -17.53 8.84 3.95
C GLU A 209 -17.95 10.05 3.11
N ALA A 210 -17.19 10.36 2.05
CA ALA A 210 -17.46 11.54 1.22
C ALA A 210 -18.26 11.16 -0.03
N LEU A 211 -18.70 9.90 -0.15
CA LEU A 211 -19.65 9.51 -1.20
C LEU A 211 -21.06 9.72 -0.75
N HIS A 212 -21.91 10.12 -1.68
CA HIS A 212 -23.34 10.09 -1.44
C HIS A 212 -23.77 8.66 -1.02
N ASN A 213 -24.54 8.56 0.05
CA ASN A 213 -24.90 7.25 0.66
C ASN A 213 -23.69 6.40 1.07
N HIS A 214 -22.49 7.00 1.12
CA HIS A 214 -21.24 6.34 1.48
C HIS A 214 -20.87 5.18 0.55
N TYR A 215 -21.45 5.15 -0.64
CA TYR A 215 -21.33 4.03 -1.52
C TYR A 215 -21.46 4.45 -2.96
N THR A 216 -20.64 3.87 -3.82
CA THR A 216 -20.88 3.92 -5.25
C THR A 216 -20.40 2.62 -5.87
N GLN A 217 -20.92 2.30 -7.03
CA GLN A 217 -20.52 1.12 -7.75
C GLN A 217 -20.32 1.48 -9.23
N LYS A 218 -19.27 0.96 -9.82
CA LYS A 218 -18.97 1.16 -11.23
C LYS A 218 -18.81 -0.22 -11.86
N SER A 219 -19.40 -0.43 -13.03
CA SER A 219 -19.40 -1.75 -13.66
C SER A 219 -18.60 -1.71 -14.96
N LEU A 220 -18.22 -2.88 -15.46
CA LEU A 220 -17.31 -3.02 -16.60
C LEU A 220 -17.71 -4.34 -17.25
N SER A 221 -17.96 -4.32 -18.55
CA SER A 221 -18.15 -5.58 -19.32
C SER A 221 -17.62 -5.36 -20.73
N LEU A 222 -17.40 -6.45 -21.47
CA LEU A 222 -16.73 -6.36 -22.78
C LEU A 222 -17.56 -5.56 -23.75
N PRO B 17 28.18 3.10 19.59
CA PRO B 17 27.63 3.81 18.45
C PRO B 17 26.72 2.93 17.61
N SER B 18 25.94 3.54 16.72
CA SER B 18 24.97 2.78 15.92
C SER B 18 25.29 2.83 14.43
N VAL B 19 24.98 1.75 13.73
CA VAL B 19 25.36 1.58 12.33
C VAL B 19 24.14 1.31 11.47
N ALA B 20 24.12 1.89 10.27
CA ALA B 20 23.08 1.65 9.28
C ALA B 20 23.70 1.37 7.93
N LEU B 21 23.18 0.35 7.24
CA LEU B 21 23.74 -0.09 5.99
C LEU B 21 22.64 -0.10 4.95
N PHE B 22 22.83 0.68 3.88
CA PHE B 22 21.80 0.93 2.88
C PHE B 22 22.15 0.32 1.52
N PRO B 23 21.18 -0.31 0.84
CA PRO B 23 21.44 -0.92 -0.44
C PRO B 23 21.53 0.10 -1.57
N PRO B 24 22.04 -0.32 -2.73
CA PRO B 24 21.98 0.52 -3.91
C PRO B 24 20.53 0.76 -4.34
N LYS B 25 20.29 1.82 -5.10
CA LYS B 25 18.98 2.04 -5.67
C LYS B 25 18.76 1.01 -6.78
N PRO B 26 17.55 0.43 -6.85
CA PRO B 26 17.34 -0.60 -7.85
C PRO B 26 17.71 -0.15 -9.25
N LYS B 27 17.36 1.07 -9.61
CA LYS B 27 17.65 1.57 -10.95
C LYS B 27 19.17 1.56 -11.21
N ASP B 28 19.96 1.90 -10.19
CA ASP B 28 21.43 1.86 -10.32
C ASP B 28 21.97 0.45 -10.55
N THR B 29 21.38 -0.54 -9.91
CA THR B 29 21.85 -1.92 -10.07
C THR B 29 21.42 -2.54 -11.43
N LEU B 30 20.34 -2.03 -11.98
CA LEU B 30 19.69 -2.61 -13.14
C LEU B 30 20.17 -2.02 -14.44
N MET B 31 20.58 -0.75 -14.42
CA MET B 31 21.14 -0.08 -15.58
CA MET B 31 21.14 -0.11 -15.59
C MET B 31 22.68 -0.05 -15.50
N ILE B 32 23.33 -0.88 -16.33
CA ILE B 32 24.79 -1.01 -16.37
C ILE B 32 25.55 0.30 -16.50
N SER B 33 24.96 1.31 -17.14
CA SER B 33 25.58 2.62 -17.23
C SER B 33 25.67 3.40 -15.91
N ARG B 34 24.76 3.10 -14.99
CA ARG B 34 24.65 3.85 -13.74
C ARG B 34 25.60 3.24 -12.69
N THR B 35 25.65 3.86 -11.51
CA THR B 35 26.69 3.53 -10.55
C THR B 35 26.06 3.12 -9.21
N PRO B 36 25.88 1.81 -8.95
CA PRO B 36 25.29 1.40 -7.68
C PRO B 36 26.32 1.42 -6.57
N GLU B 37 25.86 1.81 -5.38
CA GLU B 37 26.69 1.99 -4.20
C GLU B 37 25.98 1.43 -2.99
N VAL B 38 26.72 0.79 -2.11
CA VAL B 38 26.24 0.47 -0.76
C VAL B 38 26.84 1.51 0.19
N THR B 39 26.02 1.96 1.14
CA THR B 39 26.35 3.06 2.03
C THR B 39 26.25 2.64 3.48
N CYS B 40 27.34 2.82 4.22
CA CYS B 40 27.40 2.54 5.64
C CYS B 40 27.44 3.85 6.40
N VAL B 41 26.47 4.06 7.27
CA VAL B 41 26.38 5.31 8.03
C VAL B 41 26.42 5.02 9.53
N VAL B 42 27.15 5.84 10.28
CA VAL B 42 27.33 5.61 11.72
C VAL B 42 26.52 6.59 12.56
N PHE B 54 36.27 1.67 9.21
CA PHE B 54 35.36 0.87 8.39
C PHE B 54 36.12 -0.31 7.78
N ASN B 55 35.56 -1.50 7.95
CA ASN B 55 36.04 -2.69 7.26
C ASN B 55 34.89 -3.26 6.44
N TRP B 56 35.09 -3.38 5.11
CA TRP B 56 34.08 -3.83 4.17
C TRP B 56 34.39 -5.23 3.71
N TYR B 57 33.35 -6.04 3.50
CA TYR B 57 33.52 -7.42 3.02
C TYR B 57 32.42 -7.77 2.01
N VAL B 58 32.80 -8.55 0.99
CA VAL B 58 31.89 -9.04 -0.04
C VAL B 58 31.98 -10.57 -0.04
N ASP B 59 30.88 -11.23 0.31
CA ASP B 59 30.89 -12.67 0.62
C ASP B 59 32.08 -13.06 1.48
N GLY B 60 32.26 -12.31 2.58
CA GLY B 60 33.32 -12.61 3.54
C GLY B 60 34.70 -12.08 3.19
N VAL B 61 34.93 -11.72 1.92
CA VAL B 61 36.25 -11.30 1.45
C VAL B 61 36.41 -9.79 1.63
N GLU B 62 37.40 -9.37 2.43
CA GLU B 62 37.61 -7.95 2.66
C GLU B 62 37.98 -7.24 1.36
N VAL B 63 37.36 -6.10 1.12
CA VAL B 63 37.69 -5.26 -0.03
C VAL B 63 38.19 -3.91 0.46
N HIS B 64 38.91 -3.21 -0.42
CA HIS B 64 39.59 -1.97 -0.05
C HIS B 64 39.44 -0.96 -1.19
N ASN B 65 38.18 -0.67 -1.54
CA ASN B 65 37.87 0.39 -2.51
C ASN B 65 36.85 1.40 -1.99
N ALA B 66 36.45 1.28 -0.73
CA ALA B 66 35.44 2.16 -0.15
C ALA B 66 35.97 3.58 -0.01
N LYS B 67 35.11 4.56 -0.26
CA LYS B 67 35.45 5.95 -0.03
C LYS B 67 34.70 6.50 1.19
N THR B 68 35.47 6.86 2.22
CA THR B 68 34.94 7.36 3.48
C THR B 68 34.91 8.88 3.47
N LYS B 69 33.71 9.45 3.62
CA LYS B 69 33.53 10.90 3.60
C LYS B 69 34.01 11.49 4.92
N PRO B 70 34.37 12.79 4.92
CA PRO B 70 34.85 13.41 6.15
C PRO B 70 33.81 13.42 7.25
N ARG B 71 34.27 13.25 8.49
CA ARG B 71 33.43 13.37 9.69
C ARG B 71 32.46 14.53 9.56
N GLU B 72 31.21 14.34 10.00
CA GLU B 72 30.21 15.42 10.04
C GLU B 72 29.41 15.48 11.36
N GLU B 73 29.95 16.17 12.36
CA GLU B 73 29.29 16.32 13.67
C GLU B 73 28.03 17.15 13.50
N GLN B 74 27.04 16.91 14.35
CA GLN B 74 25.76 17.61 14.23
C GLN B 74 25.07 17.68 15.58
N ARG B 80 28.28 12.27 12.55
CA ARG B 80 28.14 10.95 11.89
C ARG B 80 29.18 10.77 10.78
N VAL B 81 29.41 9.53 10.38
CA VAL B 81 30.43 9.22 9.39
C VAL B 81 29.84 8.29 8.32
N VAL B 82 30.19 8.56 7.07
CA VAL B 82 29.63 7.85 5.93
C VAL B 82 30.74 7.18 5.12
N SER B 83 30.57 5.90 4.82
CA SER B 83 31.43 5.18 3.89
C SER B 83 30.60 4.64 2.73
N VAL B 84 31.10 4.82 1.51
CA VAL B 84 30.42 4.41 0.28
C VAL B 84 31.25 3.36 -0.45
N LEU B 85 30.69 2.18 -0.66
CA LEU B 85 31.31 1.14 -1.48
C LEU B 85 30.60 1.03 -2.83
N THR B 86 31.34 1.31 -3.90
CA THR B 86 30.85 1.04 -5.24
C THR B 86 30.77 -0.49 -5.46
N VAL B 87 29.68 -0.95 -6.06
CA VAL B 87 29.51 -2.39 -6.29
C VAL B 87 29.37 -2.69 -7.77
N LEU B 88 29.73 -3.91 -8.14
CA LEU B 88 29.53 -4.40 -9.49
C LEU B 88 28.08 -4.81 -9.63
N HIS B 89 27.42 -4.34 -10.69
CA HIS B 89 26.00 -4.65 -10.91
C HIS B 89 25.78 -6.16 -10.79
N GLN B 90 26.62 -6.96 -11.43
N GLN B 90 26.62 -6.95 -11.46
CA GLN B 90 26.44 -8.41 -11.43
CA GLN B 90 26.47 -8.41 -11.47
C GLN B 90 26.66 -9.05 -10.08
C GLN B 90 26.65 -9.03 -10.08
N ASP B 91 27.61 -8.53 -9.29
CA ASP B 91 27.79 -9.01 -7.93
C ASP B 91 26.50 -8.82 -7.08
N TRP B 92 25.93 -7.62 -7.09
CA TRP B 92 24.68 -7.37 -6.37
C TRP B 92 23.57 -8.30 -6.86
N LEU B 93 23.37 -8.34 -8.18
CA LEU B 93 22.30 -9.17 -8.75
C LEU B 93 22.53 -10.67 -8.59
N ASN B 94 23.79 -11.12 -8.40
CA ASN B 94 24.10 -12.52 -8.16
C ASN B 94 24.01 -12.90 -6.69
N GLY B 95 23.60 -11.95 -5.86
CA GLY B 95 23.26 -12.23 -4.47
C GLY B 95 24.43 -12.24 -3.53
N LYS B 96 25.52 -11.58 -3.87
CA LYS B 96 26.64 -11.44 -2.94
C LYS B 96 26.24 -10.60 -1.73
N GLU B 97 26.81 -10.94 -0.57
CA GLU B 97 26.53 -10.26 0.69
C GLU B 97 27.56 -9.17 0.93
N TYR B 98 27.08 -7.97 1.26
CA TYR B 98 27.97 -6.87 1.59
C TYR B 98 27.91 -6.62 3.07
N LYS B 99 29.08 -6.66 3.69
CA LYS B 99 29.20 -6.49 5.12
C LYS B 99 29.99 -5.23 5.45
N CYS B 100 29.40 -4.36 6.25
CA CYS B 100 30.09 -3.19 6.80
C CYS B 100 30.44 -3.40 8.27
N LYS B 101 31.71 -3.30 8.60
CA LYS B 101 32.17 -3.48 9.98
C LYS B 101 32.97 -2.26 10.39
N VAL B 102 32.55 -1.58 11.47
CA VAL B 102 33.09 -0.26 11.82
C VAL B 102 34.00 -0.24 13.06
N GLU B 112 29.42 -4.95 12.95
CA GLU B 112 29.07 -5.80 11.81
C GLU B 112 27.61 -5.62 11.43
N LYS B 113 27.37 -5.38 10.14
CA LYS B 113 26.05 -5.39 9.54
C LYS B 113 26.18 -5.88 8.10
N THR B 114 25.22 -6.67 7.65
CA THR B 114 25.31 -7.35 6.37
C THR B 114 24.04 -7.14 5.60
N ILE B 115 24.15 -6.97 4.28
CA ILE B 115 23.01 -6.78 3.40
CA ILE B 115 23.00 -6.85 3.41
C ILE B 115 23.26 -7.44 2.02
N SER B 116 22.18 -7.79 1.35
CA SER B 116 22.24 -8.31 0.00
C SER B 116 20.88 -8.07 -0.61
N LYS B 117 20.76 -8.40 -1.88
CA LYS B 117 19.53 -8.26 -2.61
C LYS B 117 18.43 -9.16 -2.04
N ALA B 118 17.18 -8.72 -2.21
CA ALA B 118 16.03 -9.57 -1.86
C ALA B 118 16.15 -10.86 -2.68
N LYS B 119 16.03 -11.99 -1.98
CA LYS B 119 16.20 -13.31 -2.56
C LYS B 119 14.92 -13.73 -3.27
N GLY B 120 15.03 -14.75 -4.11
CA GLY B 120 13.88 -15.28 -4.83
C GLY B 120 14.10 -15.50 -6.32
N GLN B 121 13.51 -16.57 -6.87
CA GLN B 121 13.52 -16.80 -8.31
C GLN B 121 12.93 -15.59 -9.03
N PRO B 122 13.72 -15.00 -9.94
CA PRO B 122 13.21 -13.88 -10.72
C PRO B 122 12.01 -14.28 -11.60
N ARG B 123 11.04 -13.39 -11.71
CA ARG B 123 9.88 -13.58 -12.55
C ARG B 123 9.64 -12.32 -13.38
N GLU B 124 9.43 -12.49 -14.68
CA GLU B 124 9.37 -11.36 -15.59
C GLU B 124 8.11 -10.53 -15.44
N PRO B 125 8.23 -9.22 -15.16
CA PRO B 125 7.04 -8.38 -15.18
C PRO B 125 6.34 -8.33 -16.54
N GLN B 126 5.01 -8.34 -16.48
CA GLN B 126 4.16 -8.06 -17.63
C GLN B 126 3.74 -6.60 -17.49
N VAL B 127 3.86 -5.83 -18.56
CA VAL B 127 3.65 -4.38 -18.44
C VAL B 127 2.57 -3.95 -19.39
N TYR B 128 1.51 -3.34 -18.86
CA TYR B 128 0.38 -2.93 -19.68
C TYR B 128 0.03 -1.47 -19.40
N THR B 129 -0.22 -0.70 -20.44
CA THR B 129 -0.70 0.64 -20.24
C THR B 129 -2.21 0.71 -20.53
N LEU B 130 -2.91 1.50 -19.72
CA LEU B 130 -4.34 1.63 -19.81
C LEU B 130 -4.69 3.12 -19.95
N PRO B 131 -5.51 3.48 -20.95
CA PRO B 131 -5.87 4.87 -21.09
C PRO B 131 -6.87 5.34 -20.00
N PRO B 132 -7.18 6.66 -19.95
CA PRO B 132 -8.19 7.13 -19.01
C PRO B 132 -9.56 6.56 -19.30
N SER B 133 -10.36 6.38 -18.27
CA SER B 133 -11.76 6.06 -18.45
C SER B 133 -12.42 7.19 -19.21
N ARG B 134 -13.38 6.84 -20.06
CA ARG B 134 -14.23 7.84 -20.69
C ARG B 134 -14.87 8.78 -19.65
N GLU B 135 -15.20 8.23 -18.47
CA GLU B 135 -15.86 9.02 -17.43
C GLU B 135 -14.94 10.08 -16.84
N GLU B 136 -13.63 9.86 -16.93
CA GLU B 136 -12.65 10.81 -16.44
C GLU B 136 -12.49 12.05 -17.35
N MET B 137 -12.93 11.92 -18.59
CA MET B 137 -12.80 13.01 -19.56
C MET B 137 -13.65 14.25 -19.25
N THR B 138 -14.56 14.17 -18.27
CA THR B 138 -15.24 15.35 -17.77
C THR B 138 -14.29 16.25 -16.95
N LYS B 139 -13.15 15.71 -16.53
CA LYS B 139 -12.20 16.45 -15.69
C LYS B 139 -11.14 17.17 -16.56
N ASN B 140 -10.41 18.09 -15.93
CA ASN B 140 -9.38 18.85 -16.63
C ASN B 140 -8.05 18.14 -16.66
N GLN B 141 -7.87 17.16 -15.78
CA GLN B 141 -6.69 16.29 -15.79
C GLN B 141 -7.19 14.88 -15.89
N VAL B 142 -6.42 14.03 -16.56
CA VAL B 142 -6.74 12.62 -16.69
C VAL B 142 -5.58 11.74 -16.23
N SER B 143 -5.91 10.46 -16.05
CA SER B 143 -5.04 9.48 -15.44
C SER B 143 -4.63 8.42 -16.47
N LEU B 144 -3.33 8.26 -16.65
CA LEU B 144 -2.81 7.22 -17.53
C LEU B 144 -2.23 6.18 -16.61
N THR B 145 -2.59 4.92 -16.83
CA THR B 145 -2.26 3.88 -15.90
C THR B 145 -1.25 2.87 -16.48
N CYS B 146 -0.20 2.56 -15.70
CA CYS B 146 0.73 1.49 -16.02
C CYS B 146 0.59 0.38 -14.99
N LEU B 147 0.14 -0.78 -15.46
CA LEU B 147 0.02 -1.99 -14.63
C LEU B 147 1.29 -2.81 -14.86
N VAL B 148 1.96 -3.18 -13.76
CA VAL B 148 3.14 -4.00 -13.82
C VAL B 148 2.88 -5.18 -12.90
N LYS B 149 2.76 -6.36 -13.48
CA LYS B 149 2.31 -7.50 -12.70
C LYS B 149 3.18 -8.71 -12.94
N GLY B 150 3.08 -9.66 -12.01
CA GLY B 150 3.73 -10.95 -12.15
C GLY B 150 5.22 -10.91 -11.93
N PHE B 151 5.73 -9.94 -11.17
CA PHE B 151 7.18 -9.85 -11.04
C PHE B 151 7.68 -10.38 -9.72
N TYR B 152 8.94 -10.78 -9.72
CA TYR B 152 9.63 -11.25 -8.51
C TYR B 152 11.13 -11.16 -8.72
N PRO B 153 11.89 -10.78 -7.69
CA PRO B 153 11.53 -10.23 -6.37
C PRO B 153 11.03 -8.82 -6.50
N SER B 154 10.76 -8.14 -5.39
CA SER B 154 10.01 -6.89 -5.44
C SER B 154 10.81 -5.67 -5.89
N ASP B 155 12.13 -5.76 -5.95
CA ASP B 155 12.99 -4.64 -6.39
C ASP B 155 12.66 -4.26 -7.84
N ILE B 156 12.26 -3.02 -8.04
CA ILE B 156 11.83 -2.60 -9.38
C ILE B 156 11.94 -1.08 -9.47
N ALA B 157 12.02 -0.53 -10.69
CA ALA B 157 11.88 0.92 -10.88
C ALA B 157 10.91 1.13 -12.03
N VAL B 158 10.01 2.09 -11.86
CA VAL B 158 8.97 2.34 -12.82
C VAL B 158 8.88 3.86 -12.97
N GLU B 159 9.03 4.37 -14.19
CA GLU B 159 9.01 5.83 -14.47
C GLU B 159 8.17 6.14 -15.70
N TRP B 160 7.62 7.34 -15.76
CA TRP B 160 6.79 7.77 -16.89
C TRP B 160 7.55 8.86 -17.63
N GLU B 161 7.55 8.81 -18.96
CA GLU B 161 8.24 9.80 -19.80
C GLU B 161 7.36 10.21 -20.96
N SER B 162 7.68 11.38 -21.51
CA SER B 162 7.15 11.79 -22.79
C SER B 162 8.22 12.62 -23.50
N ASN B 163 8.26 12.51 -24.84
CA ASN B 163 9.28 13.19 -25.65
CA ASN B 163 9.29 13.18 -25.66
C ASN B 163 10.69 13.08 -25.04
N GLY B 164 11.06 11.87 -24.62
CA GLY B 164 12.38 11.59 -24.05
C GLY B 164 12.72 12.28 -22.74
N GLN B 165 11.69 12.64 -21.98
CA GLN B 165 11.86 13.33 -20.72
C GLN B 165 10.88 12.89 -19.66
N PRO B 166 11.32 12.90 -18.40
CA PRO B 166 10.50 12.43 -17.31
C PRO B 166 9.26 13.30 -17.07
N GLU B 167 8.13 12.68 -16.77
CA GLU B 167 6.90 13.44 -16.47
C GLU B 167 6.83 13.94 -15.01
N ASN B 168 6.17 15.08 -14.78
CA ASN B 168 6.24 15.76 -13.47
C ASN B 168 5.10 15.47 -12.48
N ASN B 169 4.15 14.64 -12.86
CA ASN B 169 3.03 14.37 -12.01
C ASN B 169 2.59 12.89 -12.06
N TYR B 170 3.43 12.02 -11.53
CA TYR B 170 3.07 10.63 -11.40
C TYR B 170 3.40 10.07 -10.06
N LYS B 171 2.68 9.03 -9.68
CA LYS B 171 2.89 8.35 -8.41
C LYS B 171 2.72 6.85 -8.63
N THR B 172 3.52 6.06 -7.92
CA THR B 172 3.56 4.62 -8.07
C THR B 172 3.23 3.97 -6.75
N THR B 173 2.41 2.93 -6.79
CA THR B 173 2.07 2.21 -5.58
C THR B 173 3.26 1.36 -5.20
N PRO B 174 3.36 1.01 -3.92
CA PRO B 174 4.33 -0.01 -3.58
C PRO B 174 3.96 -1.32 -4.25
N PRO B 175 4.93 -2.25 -4.35
CA PRO B 175 4.59 -3.60 -4.76
C PRO B 175 3.57 -4.25 -3.83
N VAL B 176 2.61 -4.96 -4.40
CA VAL B 176 1.63 -5.66 -3.60
C VAL B 176 1.75 -7.15 -3.91
N LEU B 177 1.75 -7.98 -2.88
CA LEU B 177 1.81 -9.42 -3.08
C LEU B 177 0.48 -9.92 -3.67
N ASP B 178 0.58 -10.63 -4.78
CA ASP B 178 -0.58 -11.13 -5.49
C ASP B 178 -0.90 -12.55 -5.01
N SER B 179 -2.05 -13.08 -5.44
CA SER B 179 -2.53 -14.38 -4.97
C SER B 179 -1.62 -15.54 -5.37
N ASP B 180 -0.80 -15.38 -6.40
CA ASP B 180 0.12 -16.43 -6.82
C ASP B 180 1.52 -16.26 -6.22
N GLY B 181 1.68 -15.33 -5.29
CA GLY B 181 3.00 -15.10 -4.66
C GLY B 181 3.97 -14.19 -5.43
N SER B 182 3.60 -13.76 -6.64
CA SER B 182 4.34 -12.69 -7.34
C SER B 182 3.83 -11.32 -6.87
N PHE B 183 4.48 -10.26 -7.31
CA PHE B 183 4.09 -8.88 -6.97
C PHE B 183 3.51 -8.17 -8.14
N PHE B 184 2.69 -7.18 -7.86
CA PHE B 184 2.22 -6.25 -8.87
C PHE B 184 2.24 -4.85 -8.31
N LEU B 185 2.21 -3.88 -9.21
CA LEU B 185 1.96 -2.50 -8.79
C LEU B 185 1.31 -1.75 -9.90
N TYR B 186 0.87 -0.53 -9.62
CA TYR B 186 0.42 0.35 -10.64
C TYR B 186 1.17 1.67 -10.51
N SER B 187 1.38 2.32 -11.65
CA SER B 187 1.86 3.70 -11.62
C SER B 187 0.84 4.57 -12.35
N LYS B 188 0.47 5.69 -11.73
CA LYS B 188 -0.54 6.60 -12.26
C LYS B 188 0.11 7.93 -12.69
N LEU B 189 -0.03 8.24 -13.97
CA LEU B 189 0.43 9.51 -14.51
C LEU B 189 -0.76 10.43 -14.74
N THR B 190 -0.65 11.63 -14.19
CA THR B 190 -1.69 12.64 -14.36
C THR B 190 -1.20 13.66 -15.36
N VAL B 191 -2.01 13.92 -16.38
CA VAL B 191 -1.67 14.93 -17.38
C VAL B 191 -2.89 15.81 -17.64
N ASP B 192 -2.63 17.03 -18.12
CA ASP B 192 -3.67 17.88 -18.63
C ASP B 192 -4.41 17.14 -19.73
N LYS B 193 -5.74 17.18 -19.68
CA LYS B 193 -6.55 16.42 -20.63
C LYS B 193 -6.23 16.82 -22.09
N SER B 194 -5.93 18.09 -22.31
CA SER B 194 -5.64 18.59 -23.65
C SER B 194 -4.41 17.90 -24.25
N ARG B 195 -3.40 17.62 -23.43
CA ARG B 195 -2.19 16.93 -23.91
C ARG B 195 -2.49 15.52 -24.39
N TRP B 196 -3.38 14.85 -23.67
CA TRP B 196 -3.87 13.53 -24.07
C TRP B 196 -4.66 13.63 -25.35
N GLN B 197 -5.59 14.59 -25.41
CA GLN B 197 -6.41 14.79 -26.60
C GLN B 197 -5.61 15.20 -27.83
N GLN B 198 -4.52 15.91 -27.61
CA GLN B 198 -3.65 16.32 -28.70
C GLN B 198 -2.82 15.17 -29.30
N GLY B 199 -2.84 13.97 -28.70
CA GLY B 199 -2.20 12.79 -29.29
C GLY B 199 -0.74 12.56 -28.86
N ASN B 200 -0.28 13.31 -27.85
CA ASN B 200 1.06 13.11 -27.29
C ASN B 200 1.23 11.67 -26.84
N VAL B 201 2.42 11.12 -27.05
CA VAL B 201 2.73 9.75 -26.65
C VAL B 201 3.40 9.76 -25.27
N PHE B 202 2.87 8.96 -24.35
CA PHE B 202 3.42 8.81 -23.01
C PHE B 202 3.90 7.39 -22.88
N SER B 203 5.00 7.20 -22.14
CA SER B 203 5.63 5.90 -22.04
C SER B 203 5.95 5.55 -20.62
N CYS B 204 5.67 4.29 -20.30
CA CYS B 204 5.96 3.72 -18.99
C CYS B 204 7.18 2.84 -19.14
N SER B 205 8.26 3.22 -18.45
CA SER B 205 9.52 2.48 -18.52
CA SER B 205 9.52 2.49 -18.51
C SER B 205 9.63 1.71 -17.22
N VAL B 206 9.97 0.42 -17.36
CA VAL B 206 10.09 -0.48 -16.26
C VAL B 206 11.48 -1.13 -16.26
N MET B 207 12.12 -1.13 -15.11
CA MET B 207 13.43 -1.74 -14.92
C MET B 207 13.33 -2.80 -13.85
N HIS B 208 13.78 -3.99 -14.18
CA HIS B 208 13.65 -5.16 -13.32
C HIS B 208 14.63 -6.20 -13.81
N GLU B 209 15.18 -6.97 -12.86
CA GLU B 209 16.22 -7.94 -13.17
C GLU B 209 15.80 -9.08 -14.08
N ALA B 210 14.49 -9.37 -14.17
CA ALA B 210 13.95 -10.47 -14.95
C ALA B 210 13.53 -10.03 -16.36
N LEU B 211 13.75 -8.76 -16.69
CA LEU B 211 13.52 -8.29 -18.07
C LEU B 211 14.74 -8.48 -18.91
N HIS B 212 14.53 -8.78 -20.17
CA HIS B 212 15.64 -8.73 -21.16
C HIS B 212 16.24 -7.32 -21.15
N ASN B 213 17.56 -7.23 -21.05
CA ASN B 213 18.25 -5.94 -20.89
C ASN B 213 17.83 -5.16 -19.65
N HIS B 214 17.15 -5.82 -18.70
CA HIS B 214 16.63 -5.22 -17.46
C HIS B 214 15.70 -4.03 -17.69
N TYR B 215 15.11 -3.94 -18.90
CA TYR B 215 14.39 -2.77 -19.30
C TYR B 215 13.32 -3.09 -20.31
N THR B 216 12.14 -2.48 -20.15
CA THR B 216 11.15 -2.47 -21.20
C THR B 216 10.37 -1.17 -21.10
N GLN B 217 9.75 -0.77 -22.19
CA GLN B 217 8.95 0.45 -22.23
C GLN B 217 7.68 0.16 -23.04
N LYS B 218 6.55 0.62 -22.53
CA LYS B 218 5.27 0.48 -23.20
C LYS B 218 4.70 1.90 -23.37
N SER B 219 4.13 2.18 -24.53
CA SER B 219 3.65 3.53 -24.82
C SER B 219 2.14 3.53 -24.97
N LEU B 220 1.55 4.71 -24.80
CA LEU B 220 0.09 4.92 -24.80
C LEU B 220 -0.15 6.27 -25.44
N SER B 221 -1.10 6.34 -26.36
CA SER B 221 -1.55 7.61 -26.88
C SER B 221 -2.99 7.49 -27.38
N LEU B 222 -3.65 8.62 -27.56
CA LEU B 222 -5.03 8.61 -28.07
C LEU B 222 -5.04 8.42 -29.59
N SER B 223 -5.76 7.39 -30.03
CA SER B 223 -5.98 7.12 -31.48
C SER B 223 -7.38 7.50 -31.95
N PRO B 224 -7.52 7.88 -33.23
CA PRO B 224 -8.83 8.19 -33.79
C PRO B 224 -9.58 6.94 -34.25
C1 NAG C . 0.76 -13.74 27.67
C2 NAG C . 1.64 -12.52 27.36
C3 NAG C . 0.88 -11.41 26.60
C4 NAG C . 0.06 -11.96 25.44
C5 NAG C . -0.78 -13.13 25.97
C6 NAG C . -1.75 -13.74 24.95
C7 NAG C . 3.26 -12.34 29.22
C8 NAG C . 3.60 -11.63 30.50
N2 NAG C . 2.13 -11.95 28.62
O3 NAG C . 1.83 -10.44 26.19
O4 NAG C . -0.86 -10.99 24.93
O5 NAG C . 0.06 -14.14 26.51
O6 NAG C . -1.26 -13.72 23.59
O7 NAG C . 3.98 -13.23 28.78
C1 NAG C . -0.28 -10.05 24.00
C2 NAG C . -1.36 -9.55 23.04
C3 NAG C . -0.84 -8.45 22.11
C4 NAG C . -0.11 -7.37 22.94
C5 NAG C . 0.91 -8.01 23.89
C6 NAG C . 1.63 -6.98 24.76
C7 NAG C . -3.27 -10.87 22.26
C8 NAG C . -3.74 -11.99 21.38
N2 NAG C . -1.96 -10.61 22.24
O3 NAG C . -1.95 -7.90 21.44
O4 NAG C . 0.56 -6.46 22.09
O5 NAG C . 0.25 -8.95 24.71
O6 NAG C . 0.68 -6.30 25.56
O7 NAG C . -4.08 -10.25 22.94
C1 BMA C . -0.31 -5.47 21.53
C2 BMA C . 0.37 -4.10 21.57
C3 BMA C . -0.47 -3.04 20.84
C4 BMA C . -0.85 -3.55 19.46
C5 BMA C . -1.56 -4.88 19.60
C6 BMA C . -2.10 -5.46 18.29
O2 BMA C . 1.64 -4.17 20.93
O3 BMA C . 0.27 -1.81 20.76
O4 BMA C . -1.68 -2.58 18.80
O5 BMA C . -0.67 -5.82 20.19
O6 BMA C . -2.99 -6.52 18.66
C1 MAN C . -3.84 -6.94 17.56
C2 MAN C . -4.95 -7.85 18.11
C3 MAN C . -4.30 -9.10 18.68
C4 MAN C . -3.47 -9.80 17.61
C5 MAN C . -2.49 -8.81 16.95
C6 MAN C . -1.83 -9.46 15.74
O2 MAN C . -5.85 -8.22 17.08
O3 MAN C . -5.28 -9.98 19.20
O4 MAN C . -2.74 -10.87 18.16
O5 MAN C . -3.14 -7.62 16.54
O6 MAN C . -0.95 -8.54 15.14
C1 NAG C . -6.88 -7.22 16.85
C2 NAG C . -7.32 -7.24 15.38
C3 NAG C . -8.59 -6.41 15.11
C4 NAG C . -9.65 -6.59 16.22
C5 NAG C . -8.96 -6.41 17.57
C6 NAG C . -9.90 -6.43 18.78
C7 NAG C . -5.40 -7.57 13.90
C8 NAG C . -4.36 -6.92 13.03
N2 NAG C . -6.25 -6.76 14.52
O3 NAG C . -9.14 -6.76 13.85
O4 NAG C . -10.71 -5.68 16.05
O5 NAG C . -7.99 -7.43 17.70
O6 NAG C . -10.47 -7.70 18.93
O7 NAG C . -5.44 -8.79 14.00
C1 MAN C . -0.52 -0.67 21.16
C2 MAN C . 0.02 0.57 20.44
C3 MAN C . 1.48 0.76 20.83
C4 MAN C . 1.59 0.89 22.35
C5 MAN C . 0.81 -0.22 23.09
C6 MAN C . 0.71 0.11 24.57
O2 MAN C . -0.74 1.72 20.81
O3 MAN C . 2.00 1.91 20.18
O4 MAN C . 2.95 0.81 22.72
O5 MAN C . -0.49 -0.42 22.55
O6 MAN C . -0.11 -0.86 25.20
C1 FUL C . -0.47 -14.89 23.23
C2 FUL C . -0.14 -14.95 21.75
O2 FUL C . 0.53 -13.74 21.36
C3 FUL C . 0.75 -16.15 21.43
O3 FUL C . 0.85 -16.32 20.01
C4 FUL C . 0.20 -17.43 22.06
O4 FUL C . -0.97 -17.84 21.35
C5 FUL C . -0.14 -17.21 23.53
C6 FUL C . -0.75 -18.47 24.14
O5 FUL C . -1.06 -16.12 23.65
CL CL D . -26.24 -0.14 4.41
#